data_7JO7
#
_entry.id   7JO7
#
_cell.length_a   37.889
_cell.length_b   41.688
_cell.length_c   49.017
_cell.angle_alpha   90.270
_cell.angle_beta   91.959
_cell.angle_gamma   105.836
#
_symmetry.space_group_name_H-M   'P 1'
#
loop_
_entity.id
_entity.type
_entity.pdbx_description
1 polymer 'Protein scribble homolog'
2 non-polymer 1,2-ETHANEDIOL
3 water water
#
_entity_poly.entity_id   1
_entity_poly.type   'polypeptide(L)'
_entity_poly.pdbx_seq_one_letter_code
;GPLGSRHVACLARSERGLGFSIAGGKGSTPYRAGDAGIFVSRIAEGGAAHRAGTLQVGDRVLSINGVDVTEARHDHAVSL
LTAASPTIALLLEREA
;
_entity_poly.pdbx_strand_id   A,B,C,D
#
loop_
_chem_comp.id
_chem_comp.type
_chem_comp.name
_chem_comp.formula
EDO non-polymer 1,2-ETHANEDIOL 'C2 H6 O2'
#
# COMPACT_ATOMS: atom_id res chain seq x y z
N SER A 5 -6.22 4.06 6.27
CA SER A 5 -5.76 2.71 6.56
C SER A 5 -4.25 2.70 6.80
N ARG A 6 -3.52 3.42 5.95
CA ARG A 6 -2.06 3.41 5.95
C ARG A 6 -1.53 4.68 6.61
N HIS A 7 -0.56 4.50 7.51
CA HIS A 7 0.06 5.58 8.26
C HIS A 7 1.57 5.51 8.14
N VAL A 8 2.21 6.65 8.33
CA VAL A 8 3.67 6.75 8.37
C VAL A 8 4.08 7.08 9.80
N ALA A 9 5.14 6.41 10.27
CA ALA A 9 5.67 6.65 11.61
C ALA A 9 7.17 6.88 11.50
N CYS A 10 7.64 7.95 12.13
CA CYS A 10 9.03 8.35 12.09
C CYS A 10 9.49 8.59 13.52
N LEU A 11 10.42 7.77 13.99
CA LEU A 11 10.87 7.80 15.38
C LEU A 11 12.37 8.05 15.44
N ALA A 12 12.76 8.86 16.42
CA ALA A 12 14.18 9.07 16.72
C ALA A 12 14.65 7.97 17.66
N ARG A 13 15.63 7.18 17.21
CA ARG A 13 16.14 6.11 18.05
C ARG A 13 16.79 6.70 19.29
N SER A 14 16.22 6.40 20.46
CA SER A 14 16.73 6.91 21.73
C SER A 14 17.75 5.94 22.33
N GLU A 15 18.73 6.50 23.04
CA GLU A 15 19.82 5.71 23.57
C GLU A 15 19.35 4.66 24.58
N ARG A 16 18.13 4.78 25.09
CA ARG A 16 17.55 3.78 25.97
C ARG A 16 17.06 2.55 25.21
N GLY A 17 17.17 2.53 23.89
CA GLY A 17 16.48 1.55 23.08
C GLY A 17 15.09 2.02 22.70
N LEU A 18 14.65 1.61 21.52
CA LEU A 18 13.32 2.00 21.06
C LEU A 18 12.29 1.06 21.65
N GLY A 19 11.11 1.62 21.92
CA GLY A 19 10.19 0.97 22.84
C GLY A 19 9.46 -0.22 22.24
N PHE A 20 8.98 -0.09 21.01
CA PHE A 20 7.98 -1.03 20.52
C PHE A 20 8.58 -2.39 20.22
N SER A 21 7.72 -3.41 20.25
CA SER A 21 8.05 -4.78 19.88
C SER A 21 7.18 -5.24 18.72
N ILE A 22 7.58 -6.34 18.07
CA ILE A 22 6.80 -6.91 16.98
C ILE A 22 6.65 -8.41 17.17
N ALA A 23 5.67 -8.97 16.46
CA ALA A 23 5.39 -10.39 16.49
C ALA A 23 4.86 -10.80 15.12
N GLY A 24 5.15 -12.04 14.73
CA GLY A 24 4.76 -12.54 13.43
C GLY A 24 5.91 -12.52 12.45
N GLY A 25 5.63 -13.00 11.25
CA GLY A 25 6.66 -13.20 10.26
C GLY A 25 6.74 -14.65 9.82
N LYS A 26 7.38 -14.89 8.67
CA LYS A 26 7.33 -16.21 8.06
C LYS A 26 8.03 -17.28 8.87
N GLY A 27 8.85 -16.93 9.86
CA GLY A 27 9.59 -17.93 10.60
C GLY A 27 9.40 -17.90 12.11
N SER A 28 8.24 -17.43 12.56
CA SER A 28 7.95 -17.35 13.99
C SER A 28 6.49 -17.73 14.19
N THR A 29 6.02 -17.59 15.43
CA THR A 29 4.59 -17.78 15.68
C THR A 29 3.82 -16.50 15.34
N PRO A 30 2.61 -16.61 14.82
CA PRO A 30 1.88 -15.40 14.42
C PRO A 30 1.49 -14.56 15.61
N TYR A 31 1.21 -13.29 15.33
CA TYR A 31 0.59 -12.40 16.29
C TYR A 31 -0.91 -12.61 16.35
N ARG A 32 -1.49 -13.13 15.28
CA ARG A 32 -2.93 -13.22 15.08
C ARG A 32 -3.21 -14.51 14.35
N ALA A 33 -4.20 -15.27 14.84
CA ALA A 33 -4.35 -16.67 14.51
C ALA A 33 -3.98 -17.01 13.07
N GLY A 34 -4.69 -16.45 12.10
CA GLY A 34 -4.53 -16.90 10.74
C GLY A 34 -3.75 -15.99 9.82
N ASP A 35 -2.86 -15.16 10.36
CA ASP A 35 -2.15 -14.18 9.58
C ASP A 35 -0.64 -14.36 9.74
N ALA A 36 0.06 -14.32 8.62
CA ALA A 36 1.52 -14.44 8.60
C ALA A 36 2.22 -13.09 8.70
N GLY A 37 1.48 -12.02 8.97
CA GLY A 37 2.03 -10.69 8.90
C GLY A 37 2.80 -10.28 10.14
N ILE A 38 3.48 -9.15 10.01
CA ILE A 38 4.28 -8.56 11.08
C ILE A 38 3.47 -7.45 11.73
N PHE A 39 3.27 -7.54 13.03
CA PHE A 39 2.49 -6.55 13.78
C PHE A 39 3.35 -6.04 14.94
N VAL A 40 3.10 -4.80 15.34
CA VAL A 40 3.75 -4.29 16.56
C VAL A 40 3.00 -4.87 17.75
N SER A 41 3.72 -5.65 18.55
CA SER A 41 3.09 -6.49 19.57
C SER A 41 3.17 -5.90 20.97
N ARG A 42 4.01 -4.89 21.19
CA ARG A 42 4.13 -4.26 22.50
C ARG A 42 4.82 -2.91 22.34
N ILE A 43 4.49 -1.98 23.22
CA ILE A 43 5.06 -0.64 23.21
C ILE A 43 5.51 -0.32 24.62
N ALA A 44 6.83 -0.15 24.82
CA ALA A 44 7.38 0.24 26.12
C ALA A 44 6.96 1.67 26.41
N GLU A 45 6.16 1.90 27.42
CA GLU A 45 5.47 3.18 27.51
C GLU A 45 6.28 4.19 28.28
N GLY A 46 6.51 5.36 27.65
CA GLY A 46 7.61 6.25 27.96
C GLY A 46 8.58 6.39 26.81
N GLY A 47 8.77 5.32 26.04
CA GLY A 47 9.71 5.32 24.95
C GLY A 47 9.29 6.20 23.78
N ALA A 48 10.03 6.04 22.68
CA ALA A 48 9.83 6.93 21.53
C ALA A 48 8.54 6.60 20.80
N ALA A 49 8.29 5.32 20.54
CA ALA A 49 7.07 4.93 19.85
C ALA A 49 5.84 5.48 20.56
N HIS A 50 5.80 5.38 21.88
CA HIS A 50 4.66 5.87 22.64
C HIS A 50 4.59 7.40 22.61
N ARG A 51 5.74 8.06 22.76
CA ARG A 51 5.74 9.52 22.77
C ARG A 51 5.29 10.09 21.43
N ALA A 52 5.78 9.52 20.33
CA ALA A 52 5.30 9.93 19.01
C ALA A 52 3.80 9.73 18.86
N GLY A 53 3.22 8.83 19.65
CA GLY A 53 1.79 8.58 19.56
C GLY A 53 1.34 8.05 18.21
N THR A 54 2.25 7.45 17.46
CA THR A 54 1.97 7.01 16.10
C THR A 54 1.98 5.50 15.94
N LEU A 55 2.46 4.76 16.92
CA LEU A 55 2.44 3.31 16.84
C LEU A 55 1.28 2.79 17.70
N GLN A 56 0.76 1.63 17.32
CA GLN A 56 -0.34 0.99 18.04
C GLN A 56 -0.12 -0.52 18.03
N VAL A 57 -0.27 -1.14 19.20
CA VAL A 57 -0.33 -2.59 19.24
C VAL A 57 -1.44 -3.03 18.32
N GLY A 58 -1.11 -3.85 17.33
CA GLY A 58 -2.05 -4.28 16.33
C GLY A 58 -1.77 -3.72 14.95
N ASP A 59 -1.03 -2.61 14.87
CA ASP A 59 -0.64 -2.06 13.58
C ASP A 59 0.09 -3.12 12.78
N ARG A 60 -0.27 -3.25 11.51
CA ARG A 60 0.40 -4.17 10.60
C ARG A 60 1.61 -3.44 10.00
N VAL A 61 2.80 -3.95 10.25
CA VAL A 61 4.02 -3.38 9.71
C VAL A 61 4.12 -3.78 8.24
N LEU A 62 3.91 -2.82 7.37
CA LEU A 62 3.97 -3.06 5.93
C LEU A 62 5.41 -2.95 5.44
N SER A 63 6.11 -1.87 5.80
CA SER A 63 7.44 -1.60 5.31
C SER A 63 8.27 -0.99 6.44
N ILE A 64 9.58 -1.20 6.37
CA ILE A 64 10.52 -0.66 7.36
C ILE A 64 11.67 -0.06 6.58
N ASN A 65 11.92 1.24 6.79
CA ASN A 65 12.96 1.97 6.09
C ASN A 65 12.99 1.61 4.61
N GLY A 66 11.82 1.76 3.97
CA GLY A 66 11.69 1.50 2.57
C GLY A 66 11.68 0.04 2.16
N VAL A 67 11.91 -0.88 3.09
CA VAL A 67 11.97 -2.31 2.80
C VAL A 67 10.60 -2.92 3.08
N ASP A 68 10.01 -3.55 2.06
CA ASP A 68 8.72 -4.20 2.21
C ASP A 68 8.86 -5.44 3.07
N VAL A 69 8.05 -5.54 4.12
CA VAL A 69 8.08 -6.67 5.03
C VAL A 69 6.71 -7.35 5.14
N THR A 70 5.86 -7.19 4.12
CA THR A 70 4.59 -7.89 4.12
C THR A 70 4.74 -9.38 3.86
N GLU A 71 5.85 -9.79 3.26
CA GLU A 71 6.11 -11.18 2.92
C GLU A 71 7.34 -11.72 3.62
N ALA A 72 7.91 -10.96 4.55
CA ALA A 72 9.25 -11.23 5.04
C ALA A 72 9.22 -12.20 6.22
N ARG A 73 10.42 -12.57 6.65
CA ARG A 73 10.61 -13.43 7.81
C ARG A 73 10.71 -12.58 9.06
N HIS A 74 10.14 -13.10 10.16
CA HIS A 74 10.28 -12.44 11.45
C HIS A 74 11.73 -12.03 11.69
N ASP A 75 12.66 -12.97 11.44
CA ASP A 75 14.08 -12.70 11.62
C ASP A 75 14.53 -11.46 10.85
N HIS A 76 14.04 -11.30 9.63
CA HIS A 76 14.49 -10.19 8.80
C HIS A 76 13.94 -8.86 9.29
N ALA A 77 12.66 -8.82 9.64
CA ALA A 77 12.07 -7.57 10.13
C ALA A 77 12.77 -7.08 11.39
N VAL A 78 13.08 -7.99 12.31
CA VAL A 78 13.83 -7.59 13.51
C VAL A 78 15.21 -7.07 13.10
N SER A 79 15.81 -7.68 12.08
CA SER A 79 17.09 -7.19 11.58
C SER A 79 16.97 -5.74 11.09
N LEU A 80 15.89 -5.43 10.38
CA LEU A 80 15.67 -4.05 9.94
C LEU A 80 15.52 -3.12 11.14
N LEU A 81 14.75 -3.53 12.14
CA LEU A 81 14.61 -2.72 13.35
C LEU A 81 15.92 -2.62 14.11
N THR A 82 16.64 -3.75 14.25
CA THR A 82 17.82 -3.78 15.10
C THR A 82 18.95 -2.93 14.55
N ALA A 83 19.06 -2.80 13.23
CA ALA A 83 20.13 -2.02 12.63
C ALA A 83 20.25 -0.66 13.30
N ALA A 84 21.48 -0.29 13.64
CA ALA A 84 21.77 0.90 14.43
C ALA A 84 21.66 2.12 13.53
N SER A 85 20.45 2.66 13.42
CA SER A 85 20.17 3.81 12.57
C SER A 85 19.70 4.99 13.41
N PRO A 86 20.00 6.23 12.99
CA PRO A 86 19.51 7.38 13.76
C PRO A 86 18.00 7.44 13.84
N THR A 87 17.30 6.97 12.82
CA THR A 87 15.84 6.98 12.79
C THR A 87 15.30 5.64 12.32
N ILE A 88 14.00 5.46 12.53
CA ILE A 88 13.27 4.32 12.03
C ILE A 88 11.97 4.85 11.44
N ALA A 89 11.71 4.53 10.17
CA ALA A 89 10.50 4.95 9.48
C ALA A 89 9.63 3.73 9.26
N LEU A 90 8.37 3.80 9.69
CA LEU A 90 7.44 2.70 9.57
C LEU A 90 6.22 3.10 8.77
N LEU A 91 5.74 2.18 7.93
CA LEU A 91 4.49 2.30 7.21
C LEU A 91 3.55 1.24 7.77
N LEU A 92 2.51 1.69 8.45
CA LEU A 92 1.62 0.79 9.18
C LEU A 92 0.29 0.67 8.44
N GLU A 93 -0.55 -0.25 8.91
CA GLU A 93 -1.92 -0.41 8.42
C GLU A 93 -2.86 -0.40 9.61
N ARG A 94 -3.80 0.56 9.61
CA ARG A 94 -4.80 0.74 10.67
C ARG A 94 -4.19 1.27 11.97
N GLU A 95 -5.02 1.99 12.74
CA GLU A 95 -4.61 2.70 13.95
C GLU A 95 -3.31 3.52 13.78
N GLY B 1 15.10 -19.76 1.01
CA GLY B 1 13.98 -20.69 0.95
C GLY B 1 12.88 -20.22 0.03
N PRO B 2 11.67 -20.74 0.23
CA PRO B 2 10.54 -20.31 -0.60
C PRO B 2 10.15 -18.87 -0.30
N LEU B 3 9.85 -18.13 -1.36
CA LEU B 3 9.47 -16.73 -1.24
C LEU B 3 7.96 -16.58 -1.13
N GLY B 4 7.54 -15.61 -0.31
CA GLY B 4 6.14 -15.27 -0.17
C GLY B 4 5.76 -14.11 -1.07
N SER B 5 4.51 -14.12 -1.52
CA SER B 5 4.01 -13.04 -2.37
C SER B 5 2.48 -13.02 -2.29
N ARG B 6 1.91 -11.92 -2.79
CA ARG B 6 0.47 -11.73 -2.84
C ARG B 6 0.04 -11.38 -4.26
N HIS B 7 -1.17 -11.79 -4.61
CA HIS B 7 -1.72 -11.47 -5.91
C HIS B 7 -3.24 -11.60 -5.85
N VAL B 8 -3.89 -11.04 -6.86
CA VAL B 8 -5.35 -10.96 -6.92
C VAL B 8 -5.84 -11.88 -8.04
N ALA B 9 -6.82 -12.71 -7.71
CA ALA B 9 -7.55 -13.52 -8.69
C ALA B 9 -8.93 -12.91 -8.84
N CYS B 10 -9.28 -12.52 -10.07
CA CYS B 10 -10.53 -11.83 -10.38
C CYS B 10 -11.30 -12.73 -11.33
N LEU B 11 -12.38 -13.32 -10.84
CA LEU B 11 -13.13 -14.28 -11.64
C LEU B 11 -14.51 -13.71 -12.00
N ALA B 12 -14.97 -14.05 -13.21
CA ALA B 12 -16.34 -13.81 -13.63
C ALA B 12 -17.17 -15.03 -13.29
N ARG B 13 -18.28 -14.81 -12.57
CA ARG B 13 -19.15 -15.90 -12.17
C ARG B 13 -19.88 -16.49 -13.38
N GLU B 15 -21.71 -19.56 -13.88
CA GLU B 15 -21.51 -20.57 -12.86
C GLU B 15 -21.84 -21.99 -13.33
N ARG B 16 -21.10 -22.45 -14.34
CA ARG B 16 -20.84 -23.88 -14.45
C ARG B 16 -20.24 -24.42 -13.16
N GLY B 17 -19.75 -23.52 -12.32
CA GLY B 17 -19.11 -23.88 -11.06
C GLY B 17 -17.96 -22.95 -10.78
N LEU B 18 -17.44 -23.05 -9.56
CA LEU B 18 -16.24 -22.28 -9.23
C LEU B 18 -15.09 -22.62 -10.15
N GLY B 19 -15.02 -23.86 -10.63
CA GLY B 19 -13.85 -24.34 -11.31
C GLY B 19 -12.67 -24.59 -10.40
N PHE B 20 -12.84 -24.39 -9.11
CA PHE B 20 -11.79 -24.64 -8.13
C PHE B 20 -12.44 -25.02 -6.81
N SER B 21 -11.61 -25.51 -5.90
CA SER B 21 -12.07 -25.90 -4.58
C SER B 21 -11.12 -25.34 -3.53
N ILE B 22 -11.59 -25.29 -2.29
CA ILE B 22 -10.79 -24.84 -1.16
C ILE B 22 -10.81 -25.91 -0.08
N ALA B 23 -9.95 -25.70 0.93
CA ALA B 23 -9.88 -26.60 2.07
C ALA B 23 -9.42 -25.79 3.26
N GLY B 24 -9.75 -26.28 4.44
CA GLY B 24 -9.38 -25.62 5.68
C GLY B 24 -10.44 -24.68 6.17
N GLY B 25 -10.10 -23.95 7.22
CA GLY B 25 -11.04 -23.08 7.89
C GLY B 25 -11.67 -23.73 9.11
N LYS B 26 -12.18 -22.90 10.00
CA LYS B 26 -12.83 -23.39 11.21
C LYS B 26 -14.04 -24.24 10.86
N GLY B 27 -14.11 -25.44 11.43
CA GLY B 27 -15.22 -26.34 11.20
C GLY B 27 -14.98 -27.41 10.15
N SER B 28 -13.79 -27.47 9.56
CA SER B 28 -13.42 -28.50 8.61
C SER B 28 -12.03 -29.00 8.96
N THR B 29 -11.55 -29.95 8.19
CA THR B 29 -10.21 -30.47 8.41
C THR B 29 -9.19 -29.63 7.64
N PRO B 30 -7.94 -29.63 8.08
CA PRO B 30 -6.95 -28.70 7.50
C PRO B 30 -6.47 -29.14 6.13
N TYR B 31 -6.02 -28.15 5.35
CA TYR B 31 -5.37 -28.46 4.08
C TYR B 31 -4.02 -29.12 4.31
N ARG B 32 -3.28 -28.66 5.32
CA ARG B 32 -1.99 -29.22 5.69
C ARG B 32 -1.92 -29.25 7.20
N ALA B 33 -1.21 -30.25 7.73
CA ALA B 33 -1.12 -30.42 9.18
C ALA B 33 -0.45 -29.20 9.82
N GLY B 34 -1.05 -28.71 10.89
CA GLY B 34 -0.52 -27.56 11.58
C GLY B 34 -0.91 -26.21 11.02
N ASP B 35 -1.74 -26.18 9.98
CA ASP B 35 -2.20 -24.94 9.38
C ASP B 35 -3.70 -25.07 9.16
N ALA B 36 -4.49 -24.34 9.95
CA ALA B 36 -5.94 -24.41 9.89
C ALA B 36 -6.53 -23.28 9.05
N GLY B 37 -5.74 -22.69 8.15
CA GLY B 37 -6.24 -21.65 7.28
C GLY B 37 -6.91 -22.21 6.05
N ILE B 38 -7.54 -21.31 5.30
CA ILE B 38 -8.25 -21.67 4.08
C ILE B 38 -7.30 -21.57 2.89
N PHE B 39 -7.30 -22.60 2.05
CA PHE B 39 -6.38 -22.71 0.93
C PHE B 39 -7.14 -23.14 -0.31
N VAL B 40 -6.57 -22.81 -1.48
CA VAL B 40 -7.06 -23.35 -2.73
C VAL B 40 -6.55 -24.78 -2.87
N SER B 41 -7.48 -25.73 -2.96
CA SER B 41 -7.12 -27.15 -2.90
C SER B 41 -7.26 -27.88 -4.22
N ARG B 42 -7.94 -27.28 -5.20
CA ARG B 42 -8.14 -27.91 -6.50
C ARG B 42 -8.45 -26.82 -7.51
N ILE B 43 -7.87 -26.94 -8.69
CA ILE B 43 -8.25 -26.14 -9.84
C ILE B 43 -8.54 -27.11 -10.98
N ALA B 44 -9.74 -27.03 -11.53
CA ALA B 44 -10.12 -27.88 -12.66
C ALA B 44 -9.53 -27.33 -13.95
N GLU B 45 -8.90 -28.21 -14.72
CA GLU B 45 -8.39 -27.84 -16.03
C GLU B 45 -9.57 -27.56 -16.95
N GLY B 46 -9.56 -26.38 -17.58
CA GLY B 46 -10.64 -25.97 -18.45
C GLY B 46 -11.75 -25.25 -17.71
N ALA B 49 -10.93 -20.81 -13.14
CA ALA B 49 -9.74 -20.64 -12.33
C ALA B 49 -8.47 -20.90 -13.15
N HIS B 50 -8.50 -21.95 -13.97
CA HIS B 50 -7.35 -22.31 -14.78
C HIS B 50 -7.08 -21.30 -15.88
N ARG B 51 -7.91 -20.27 -16.03
CA ARG B 51 -7.68 -19.21 -17.00
C ARG B 51 -7.04 -18.01 -16.32
N GLY B 53 -1.48 -17.57 -15.29
CA GLY B 53 -2.39 -18.11 -14.28
C GLY B 53 -2.37 -17.31 -12.99
N THR B 54 -3.55 -17.14 -12.38
CA THR B 54 -3.69 -16.37 -11.16
C THR B 54 -4.20 -17.18 -9.99
N LEU B 55 -4.49 -18.46 -10.18
CA LEU B 55 -5.03 -19.30 -9.12
C LEU B 55 -4.28 -20.62 -9.17
N GLN B 56 -3.70 -21.04 -8.04
CA GLN B 56 -2.92 -22.26 -7.98
C GLN B 56 -3.18 -22.99 -6.67
N VAL B 57 -2.93 -24.31 -6.70
CA VAL B 57 -3.11 -25.14 -5.52
C VAL B 57 -2.08 -24.76 -4.47
N GLY B 58 -2.53 -24.70 -3.21
CA GLY B 58 -1.69 -24.25 -2.12
C GLY B 58 -1.79 -22.77 -1.84
N ASP B 59 -2.38 -21.98 -2.73
CA ASP B 59 -2.62 -20.57 -2.46
C ASP B 59 -3.44 -20.42 -1.18
N ARG B 60 -2.95 -19.60 -0.27
CA ARG B 60 -3.70 -19.28 0.93
C ARG B 60 -4.68 -18.16 0.62
N VAL B 61 -5.95 -18.36 0.99
CA VAL B 61 -7.00 -17.38 0.74
C VAL B 61 -7.04 -16.40 1.90
N LEU B 62 -6.71 -15.13 1.62
CA LEU B 62 -6.74 -14.11 2.66
C LEU B 62 -8.10 -13.43 2.77
N SER B 63 -8.70 -13.06 1.64
CA SER B 63 -9.98 -12.37 1.64
C SER B 63 -10.75 -12.73 0.39
N ILE B 64 -12.08 -12.59 0.48
CA ILE B 64 -12.98 -12.83 -0.64
C ILE B 64 -13.87 -11.61 -0.79
N ASN B 65 -13.79 -10.94 -1.93
CA ASN B 65 -14.58 -9.73 -2.19
C ASN B 65 -14.48 -8.75 -1.04
N GLY B 66 -13.30 -8.66 -0.43
CA GLY B 66 -13.03 -7.74 0.65
C GLY B 66 -13.25 -8.30 2.05
N VAL B 67 -13.84 -9.48 2.18
CA VAL B 67 -14.17 -10.03 3.49
C VAL B 67 -12.95 -10.82 3.99
N ASP B 68 -12.32 -10.31 5.05
CA ASP B 68 -11.23 -11.03 5.67
C ASP B 68 -11.69 -12.42 6.07
N VAL B 69 -10.83 -13.39 5.80
CA VAL B 69 -11.24 -14.80 5.75
C VAL B 69 -10.11 -15.63 6.40
N THR B 70 -9.13 -14.92 6.99
CA THR B 70 -7.99 -15.59 7.60
C THR B 70 -8.39 -16.43 8.82
N GLU B 71 -9.47 -16.05 9.49
CA GLU B 71 -9.99 -16.80 10.63
C GLU B 71 -11.45 -17.19 10.42
N ALA B 72 -11.83 -17.43 9.17
CA ALA B 72 -13.21 -17.70 8.84
C ALA B 72 -13.52 -19.19 8.95
N ARG B 73 -14.79 -19.50 9.20
CA ARG B 73 -15.26 -20.85 9.06
C ARG B 73 -15.15 -21.30 7.61
N HIS B 74 -14.74 -22.56 7.41
CA HIS B 74 -14.83 -23.16 6.09
C HIS B 74 -16.20 -22.94 5.49
N ASP B 75 -17.24 -22.93 6.33
CA ASP B 75 -18.61 -22.81 5.84
C ASP B 75 -18.87 -21.43 5.24
N HIS B 76 -18.46 -20.39 5.93
CA HIS B 76 -18.70 -19.03 5.45
C HIS B 76 -17.93 -18.76 4.16
N ALA B 77 -16.67 -19.19 4.08
CA ALA B 77 -15.89 -18.96 2.88
C ALA B 77 -16.60 -19.50 1.64
N VAL B 78 -17.01 -20.78 1.70
CA VAL B 78 -17.73 -21.37 0.57
C VAL B 78 -18.98 -20.56 0.26
N SER B 79 -19.68 -20.09 1.30
CA SER B 79 -20.91 -19.32 1.08
C SER B 79 -20.61 -17.98 0.41
N LEU B 80 -19.48 -17.37 0.74
CA LEU B 80 -19.10 -16.12 0.08
C LEU B 80 -18.68 -16.38 -1.37
N LEU B 81 -18.02 -17.51 -1.62
CA LEU B 81 -17.66 -17.88 -2.98
C LEU B 81 -18.89 -18.08 -3.86
N THR B 82 -20.00 -18.53 -3.27
CA THR B 82 -21.22 -18.79 -4.02
C THR B 82 -22.19 -17.61 -4.02
N ALA B 83 -22.05 -16.70 -3.07
CA ALA B 83 -22.92 -15.52 -2.99
C ALA B 83 -22.93 -14.75 -4.31
N SER B 85 -22.85 -11.66 -6.40
CA SER B 85 -22.01 -10.60 -6.97
C SER B 85 -21.61 -10.99 -8.39
N PRO B 86 -21.41 -9.99 -9.26
CA PRO B 86 -21.00 -10.30 -10.63
C PRO B 86 -19.64 -10.96 -10.73
N THR B 87 -18.80 -10.84 -9.71
CA THR B 87 -17.45 -11.37 -9.76
C THR B 87 -17.03 -11.85 -8.39
N ILE B 88 -15.90 -12.55 -8.35
CA ILE B 88 -15.26 -12.97 -7.11
C ILE B 88 -13.82 -12.46 -7.14
N ALA B 89 -13.44 -11.67 -6.14
CA ALA B 89 -12.08 -11.20 -5.99
C ALA B 89 -11.45 -11.97 -4.84
N LEU B 90 -10.30 -12.60 -5.12
CA LEU B 90 -9.57 -13.35 -4.11
C LEU B 90 -8.20 -12.71 -3.91
N LEU B 91 -7.90 -12.31 -2.68
CA LEU B 91 -6.54 -11.98 -2.28
C LEU B 91 -5.85 -13.27 -1.82
N LEU B 92 -4.72 -13.59 -2.44
CA LEU B 92 -4.06 -14.86 -2.22
C LEU B 92 -2.62 -14.62 -1.78
N GLU B 93 -2.04 -15.66 -1.17
CA GLU B 93 -0.64 -15.65 -0.76
C GLU B 93 -0.01 -16.98 -1.15
N ARG B 94 1.16 -16.91 -1.79
CA ARG B 94 1.92 -18.08 -2.20
C ARG B 94 3.20 -18.21 -1.39
N GLU B 95 3.85 -19.35 -1.56
CA GLU B 95 5.21 -19.56 -1.05
C GLU B 95 6.03 -20.28 -2.11
N LEU C 3 -1.36 9.59 4.27
CA LEU C 3 -2.44 8.65 4.54
C LEU C 3 -3.02 8.07 3.25
N GLY C 4 -3.90 7.10 3.39
CA GLY C 4 -4.50 6.44 2.24
C GLY C 4 -5.09 5.10 2.63
N SER C 5 -5.88 4.56 1.72
CA SER C 5 -6.56 3.29 1.93
C SER C 5 -6.70 2.58 0.60
N ARG C 6 -6.47 1.28 0.59
CA ARG C 6 -6.38 0.49 -0.64
C ARG C 6 -7.46 -0.59 -0.68
N HIS C 7 -7.86 -0.94 -1.89
CA HIS C 7 -8.88 -1.97 -2.08
C HIS C 7 -8.82 -2.43 -3.52
N VAL C 8 -9.54 -3.52 -3.80
CA VAL C 8 -9.52 -4.15 -5.12
C VAL C 8 -10.90 -4.01 -5.76
N ALA C 9 -10.89 -3.90 -7.09
CA ALA C 9 -12.09 -3.93 -7.91
C ALA C 9 -11.91 -5.03 -8.94
N CYS C 10 -12.93 -5.86 -9.10
CA CYS C 10 -12.87 -7.01 -10.00
C CYS C 10 -14.01 -6.89 -11.00
N LEU C 11 -13.66 -6.63 -12.25
CA LEU C 11 -14.64 -6.39 -13.30
C LEU C 11 -14.62 -7.51 -14.32
N ALA C 12 -15.81 -7.89 -14.78
CA ALA C 12 -15.95 -8.79 -15.91
C ALA C 12 -16.02 -7.96 -17.17
N ARG C 13 -15.31 -8.39 -18.20
CA ARG C 13 -15.21 -7.62 -19.44
C ARG C 13 -16.30 -8.04 -20.42
N SER C 14 -17.33 -7.21 -20.54
CA SER C 14 -18.29 -7.35 -21.62
C SER C 14 -17.69 -6.80 -22.91
N GLU C 15 -18.38 -7.02 -24.03
CA GLU C 15 -17.96 -6.45 -25.30
C GLU C 15 -18.66 -5.12 -25.60
N ARG C 16 -19.38 -4.56 -24.64
CA ARG C 16 -20.02 -3.26 -24.80
C ARG C 16 -19.16 -2.13 -24.26
N GLY C 17 -17.90 -2.40 -23.93
CA GLY C 17 -16.97 -1.37 -23.51
C GLY C 17 -16.62 -1.50 -22.04
N LEU C 18 -15.78 -0.56 -21.60
CA LEU C 18 -15.29 -0.56 -20.23
C LEU C 18 -16.34 -0.06 -19.24
N GLY C 19 -17.03 1.02 -19.57
CA GLY C 19 -17.92 1.63 -18.61
C GLY C 19 -17.26 2.61 -17.67
N PHE C 20 -15.99 2.92 -17.89
CA PHE C 20 -15.31 3.92 -17.08
C PHE C 20 -14.14 4.47 -17.87
N SER C 21 -13.69 5.66 -17.47
CA SER C 21 -12.54 6.31 -18.08
C SER C 21 -11.52 6.64 -16.99
N ILE C 22 -10.30 6.94 -17.42
CA ILE C 22 -9.22 7.29 -16.52
C ILE C 22 -8.57 8.59 -16.98
N ALA C 23 -7.97 9.28 -16.02
CA ALA C 23 -7.27 10.53 -16.30
C ALA C 23 -6.00 10.59 -15.47
N GLY C 24 -4.93 11.07 -16.08
CA GLY C 24 -3.67 11.17 -15.40
C GLY C 24 -2.63 10.26 -16.04
N GLY C 25 -1.47 10.22 -15.41
CA GLY C 25 -0.36 9.46 -15.94
C GLY C 25 0.57 10.30 -16.79
N LYS C 26 1.74 9.74 -17.04
CA LYS C 26 2.76 10.47 -17.77
C LYS C 26 2.39 10.62 -19.24
N GLY C 27 2.87 11.71 -19.83
CA GLY C 27 2.59 11.96 -21.22
C GLY C 27 1.17 12.42 -21.47
N SER C 28 0.44 12.74 -20.42
CA SER C 28 -0.91 13.26 -20.54
C SER C 28 -1.09 14.39 -19.54
N THR C 29 -2.30 14.94 -19.52
CA THR C 29 -2.64 16.05 -18.65
C THR C 29 -3.18 15.52 -17.32
N PRO C 30 -2.83 16.16 -16.20
CA PRO C 30 -3.13 15.56 -14.89
C PRO C 30 -4.60 15.57 -14.57
N TYR C 31 -4.99 14.64 -13.70
CA TYR C 31 -6.33 14.67 -13.14
C TYR C 31 -6.45 15.75 -12.08
N ARG C 32 -5.45 15.87 -11.21
CA ARG C 32 -5.33 16.96 -10.25
C ARG C 32 -3.96 17.60 -10.41
N ALA C 33 -3.93 18.93 -10.46
CA ALA C 33 -2.66 19.64 -10.54
C ALA C 33 -1.78 19.29 -9.34
N GLY C 34 -0.52 18.99 -9.61
CA GLY C 34 0.38 18.53 -8.57
C GLY C 34 0.32 17.04 -8.31
N ASP C 35 -0.41 16.28 -9.12
CA ASP C 35 -0.56 14.84 -8.94
C ASP C 35 -0.30 14.17 -10.28
N ALA C 36 0.74 13.34 -10.35
CA ALA C 36 1.11 12.65 -11.58
C ALA C 36 0.41 11.30 -11.74
N GLY C 37 -0.44 10.91 -10.80
CA GLY C 37 -1.00 9.58 -10.81
C GLY C 37 -2.17 9.44 -11.77
N ILE C 38 -2.57 8.18 -11.97
CA ILE C 38 -3.70 7.84 -12.81
C ILE C 38 -4.94 7.70 -11.94
N PHE C 39 -6.05 8.27 -12.42
CA PHE C 39 -7.29 8.32 -11.66
C PHE C 39 -8.46 7.91 -12.54
N VAL C 40 -9.42 7.22 -11.94
CA VAL C 40 -10.70 7.00 -12.60
C VAL C 40 -11.38 8.35 -12.77
N SER C 41 -11.82 8.64 -13.99
CA SER C 41 -12.31 9.98 -14.29
C SER C 41 -13.81 10.05 -14.50
N ARG C 42 -14.40 9.05 -15.15
CA ARG C 42 -15.82 9.06 -15.47
C ARG C 42 -16.33 7.62 -15.51
N ILE C 43 -17.46 7.39 -14.83
CA ILE C 43 -18.06 6.06 -14.72
C ILE C 43 -19.43 6.11 -15.35
N ALA C 44 -19.67 5.27 -16.35
CA ALA C 44 -20.95 5.21 -17.04
C ALA C 44 -21.80 4.09 -16.43
N GLU C 45 -23.07 4.41 -16.17
CA GLU C 45 -24.03 3.44 -15.63
C GLU C 45 -24.22 2.30 -16.62
N GLY C 46 -23.56 1.17 -16.36
CA GLY C 46 -23.57 0.05 -17.27
C GLY C 46 -22.17 -0.46 -17.55
N GLY C 47 -21.92 -0.88 -18.79
CA GLY C 47 -20.59 -1.35 -19.14
C GLY C 47 -20.21 -2.59 -18.37
N ALA C 48 -19.02 -2.56 -17.75
CA ALA C 48 -18.48 -3.73 -17.07
C ALA C 48 -19.13 -3.93 -15.70
N ALA C 49 -19.39 -5.19 -15.37
CA ALA C 49 -19.96 -5.54 -14.06
C ALA C 49 -18.86 -5.51 -13.00
N HIS C 50 -18.99 -4.64 -11.99
CA HIS C 50 -18.02 -4.51 -10.91
C HIS C 50 -18.71 -4.86 -9.59
N ARG C 51 -18.03 -5.57 -8.71
CA ARG C 51 -18.71 -6.26 -7.63
C ARG C 51 -19.15 -5.36 -6.50
N ALA C 52 -19.76 -4.22 -6.85
CA ALA C 52 -20.41 -3.35 -5.89
C ALA C 52 -20.11 -1.91 -6.24
N GLY C 53 -20.00 -1.05 -5.22
CA GLY C 53 -19.50 0.28 -5.42
C GLY C 53 -17.99 0.31 -5.31
N THR C 54 -17.32 -0.59 -6.01
CA THR C 54 -15.90 -0.79 -5.87
C THR C 54 -15.06 0.05 -6.84
N LEU C 55 -15.71 0.82 -7.72
CA LEU C 55 -15.03 1.70 -8.67
C LEU C 55 -15.65 3.07 -8.56
N GLN C 56 -14.84 4.10 -8.29
CA GLN C 56 -15.36 5.45 -8.08
C GLN C 56 -14.48 6.47 -8.76
N VAL C 57 -14.92 7.74 -8.72
CA VAL C 57 -14.31 8.77 -9.53
C VAL C 57 -13.01 9.26 -8.92
N GLY C 58 -12.92 9.32 -7.61
CA GLY C 58 -11.67 9.76 -7.03
C GLY C 58 -10.59 8.71 -6.90
N ASP C 59 -10.82 7.50 -7.41
CA ASP C 59 -9.94 6.37 -7.13
C ASP C 59 -8.64 6.48 -7.92
N ARG C 60 -7.52 6.50 -7.20
CA ARG C 60 -6.20 6.43 -7.81
C ARG C 60 -5.87 4.98 -8.13
N VAL C 61 -5.57 4.69 -9.39
CA VAL C 61 -5.32 3.32 -9.83
C VAL C 61 -3.84 3.04 -9.68
N LEU C 62 -3.52 1.91 -9.06
CA LEU C 62 -2.15 1.53 -8.75
C LEU C 62 -1.62 0.40 -9.63
N SER C 63 -2.41 -0.63 -9.89
CA SER C 63 -2.03 -1.70 -10.79
C SER C 63 -3.22 -2.10 -11.64
N ILE C 64 -2.93 -2.58 -12.85
CA ILE C 64 -3.94 -3.09 -13.77
C ILE C 64 -3.56 -4.53 -14.07
N ASN C 65 -4.40 -5.47 -13.63
CA ASN C 65 -4.15 -6.90 -13.88
C ASN C 65 -2.74 -7.31 -13.45
N GLY C 66 -2.29 -6.74 -12.33
CA GLY C 66 -0.98 -7.08 -11.81
C GLY C 66 0.17 -6.25 -12.34
N VAL C 67 -0.09 -5.32 -13.27
CA VAL C 67 0.93 -4.45 -13.83
C VAL C 67 0.88 -3.13 -13.08
N ASP C 68 1.95 -2.80 -12.37
CA ASP C 68 2.03 -1.57 -11.60
C ASP C 68 2.03 -0.38 -12.54
N VAL C 69 1.14 0.58 -12.28
CA VAL C 69 1.03 1.77 -13.10
C VAL C 69 1.24 3.05 -12.28
N THR C 70 1.92 2.97 -11.14
CA THR C 70 2.19 4.17 -10.37
C THR C 70 3.08 5.15 -11.13
N GLU C 71 3.96 4.64 -11.99
CA GLU C 71 4.82 5.47 -12.82
C GLU C 71 4.52 5.31 -14.30
N ALA C 72 3.40 4.71 -14.65
CA ALA C 72 3.12 4.37 -16.03
C ALA C 72 2.63 5.58 -16.81
N ARG C 73 2.75 5.49 -18.13
CA ARG C 73 2.22 6.51 -19.01
C ARG C 73 0.71 6.34 -19.12
N HIS C 74 0.03 7.44 -19.43
CA HIS C 74 -1.40 7.39 -19.65
C HIS C 74 -1.75 6.38 -20.73
N ASP C 75 -1.02 6.41 -21.84
CA ASP C 75 -1.35 5.54 -22.97
C ASP C 75 -1.14 4.07 -22.61
N HIS C 76 0.01 3.75 -22.01
CA HIS C 76 0.29 2.36 -21.68
C HIS C 76 -0.77 1.79 -20.74
N ALA C 77 -1.17 2.57 -19.73
CA ALA C 77 -2.23 2.12 -18.83
C ALA C 77 -3.53 1.91 -19.59
N VAL C 78 -3.86 2.80 -20.50
CA VAL C 78 -5.07 2.62 -21.30
C VAL C 78 -4.99 1.32 -22.09
N SER C 79 -3.81 1.01 -22.63
CA SER C 79 -3.62 -0.25 -23.34
C SER C 79 -3.93 -1.44 -22.43
N LEU C 80 -3.45 -1.40 -21.19
CA LEU C 80 -3.68 -2.50 -20.26
C LEU C 80 -5.16 -2.69 -19.99
N LEU C 81 -5.87 -1.58 -19.75
CA LEU C 81 -7.31 -1.69 -19.53
C LEU C 81 -8.03 -2.28 -20.72
N THR C 82 -7.57 -1.95 -21.92
CA THR C 82 -8.21 -2.33 -23.19
C THR C 82 -7.86 -3.74 -23.65
N ALA C 83 -7.20 -4.51 -22.79
CA ALA C 83 -6.72 -5.84 -23.17
C ALA C 83 -7.83 -6.74 -23.69
N ALA C 84 -7.44 -7.92 -24.14
CA ALA C 84 -8.37 -8.99 -24.47
C ALA C 84 -8.69 -9.88 -23.27
N SER C 85 -8.31 -9.45 -22.07
CA SER C 85 -8.43 -10.29 -20.90
C SER C 85 -9.90 -10.56 -20.59
N PRO C 86 -10.17 -11.60 -19.79
CA PRO C 86 -11.57 -11.84 -19.38
C PRO C 86 -12.05 -10.86 -18.33
N THR C 87 -11.19 -10.51 -17.37
CA THR C 87 -11.55 -9.65 -16.27
C THR C 87 -10.46 -8.60 -16.06
N ILE C 88 -10.83 -7.51 -15.40
CA ILE C 88 -9.91 -6.42 -15.08
C ILE C 88 -9.85 -6.30 -13.57
N ALA C 89 -8.69 -6.58 -13.00
CA ALA C 89 -8.43 -6.40 -11.58
C ALA C 89 -7.68 -5.09 -11.38
N LEU C 90 -8.15 -4.29 -10.42
CA LEU C 90 -7.54 -3.00 -10.15
C LEU C 90 -7.25 -2.88 -8.67
N LEU C 91 -6.00 -2.54 -8.33
CA LEU C 91 -5.65 -2.13 -6.98
C LEU C 91 -5.81 -0.62 -6.92
N LEU C 92 -6.84 -0.16 -6.23
CA LEU C 92 -7.18 1.26 -6.15
C LEU C 92 -6.81 1.81 -4.78
N GLU C 93 -6.45 3.08 -4.75
CA GLU C 93 -6.15 3.79 -3.51
C GLU C 93 -7.13 4.96 -3.35
N ARG C 94 -7.66 5.12 -2.14
CA ARG C 94 -8.58 6.19 -1.81
C ARG C 94 -8.04 7.02 -0.65
N GLU C 95 -8.53 8.25 -0.56
CA GLU C 95 -8.07 9.19 0.45
C GLU C 95 -9.28 9.82 1.13
N PRO D 2 5.60 -0.55 0.26
CA PRO D 2 4.71 -0.34 -0.89
C PRO D 2 4.18 1.08 -0.98
N LEU D 3 5.04 2.05 -1.34
CA LEU D 3 4.62 3.43 -1.46
C LEU D 3 4.52 3.91 -2.90
N GLY D 4 4.68 3.01 -3.87
CA GLY D 4 4.57 3.42 -5.27
C GLY D 4 5.75 4.27 -5.69
N SER D 5 5.45 5.32 -6.46
CA SER D 5 6.47 6.23 -6.97
C SER D 5 6.92 7.24 -5.93
N ARG D 6 6.51 7.08 -4.68
CA ARG D 6 6.85 7.97 -3.59
C ARG D 6 7.84 7.31 -2.63
N HIS D 7 8.34 8.09 -1.69
CA HIS D 7 9.28 7.58 -0.70
C HIS D 7 9.27 8.51 0.50
N VAL D 8 9.77 8.00 1.63
CA VAL D 8 9.69 8.67 2.91
C VAL D 8 11.10 9.07 3.34
N ALA D 9 11.22 10.29 3.85
CA ALA D 9 12.42 10.75 4.53
C ALA D 9 12.07 10.97 6.00
N CYS D 10 12.86 10.36 6.89
CA CYS D 10 12.61 10.37 8.33
C CYS D 10 13.87 10.91 9.00
N LEU D 11 13.87 12.18 9.37
CA LEU D 11 15.09 12.81 9.85
C LEU D 11 14.98 13.08 11.34
N ALA D 12 16.10 12.89 12.04
CA ALA D 12 16.22 13.27 13.43
C ALA D 12 16.32 14.79 13.54
N ARG D 13 15.54 15.37 14.46
CA ARG D 13 15.49 16.81 14.62
C ARG D 13 16.63 17.31 15.49
N ARG D 16 18.46 23.64 15.67
CA ARG D 16 19.77 23.78 15.02
C ARG D 16 19.62 23.87 13.50
N GLY D 17 18.44 24.26 13.05
CA GLY D 17 18.23 24.41 11.63
C GLY D 17 17.78 23.13 10.96
N LEU D 18 17.04 23.30 9.85
CA LEU D 18 16.48 22.15 9.16
C LEU D 18 17.56 21.32 8.47
N GLY D 19 18.54 21.98 7.87
CA GLY D 19 19.47 21.32 6.98
C GLY D 19 19.03 21.26 5.55
N PHE D 20 17.90 21.87 5.21
CA PHE D 20 17.42 21.93 3.84
C PHE D 20 16.40 23.05 3.73
N SER D 21 16.10 23.43 2.49
CA SER D 21 15.14 24.49 2.21
C SER D 21 14.08 23.98 1.25
N ILE D 22 12.94 24.67 1.22
CA ILE D 22 11.88 24.36 0.28
C ILE D 22 11.55 25.62 -0.51
N ALA D 23 10.99 25.41 -1.70
CA ALA D 23 10.53 26.49 -2.55
C ALA D 23 9.18 26.10 -3.12
N GLY D 24 8.37 27.11 -3.44
CA GLY D 24 7.06 26.89 -4.01
C GLY D 24 5.96 26.90 -2.98
N GLY D 25 4.76 26.57 -3.45
CA GLY D 25 3.57 26.63 -2.64
C GLY D 25 2.79 27.90 -2.88
N LYS D 26 1.66 27.99 -2.21
CA LYS D 26 0.80 29.17 -2.30
C LYS D 26 1.39 30.33 -1.51
N GLY D 27 1.42 31.51 -2.11
CA GLY D 27 1.94 32.69 -1.47
C GLY D 27 3.42 32.95 -1.70
N SER D 28 4.07 32.17 -2.56
CA SER D 28 5.48 32.35 -2.88
C SER D 28 5.69 32.07 -4.35
N THR D 29 6.89 32.36 -4.84
CA THR D 29 7.20 32.11 -6.23
C THR D 29 7.36 30.60 -6.45
N PRO D 30 7.12 30.12 -7.66
CA PRO D 30 7.24 28.68 -7.90
C PRO D 30 8.68 28.20 -7.85
N TYR D 31 8.83 26.90 -7.57
CA TYR D 31 10.15 26.28 -7.63
C TYR D 31 10.68 26.28 -9.05
N ARG D 32 9.85 25.91 -10.01
CA ARG D 32 10.24 25.86 -11.41
C ARG D 32 9.06 26.34 -12.24
N ALA D 33 9.36 26.89 -13.41
CA ALA D 33 8.31 27.37 -14.30
C ALA D 33 7.43 26.20 -14.74
N GLY D 34 6.12 26.38 -14.60
CA GLY D 34 5.17 25.36 -14.99
C GLY D 34 4.67 24.48 -13.86
N ASP D 35 5.12 24.70 -12.63
CA ASP D 35 4.71 23.89 -11.50
C ASP D 35 4.52 24.77 -10.27
N ALA D 36 3.49 24.46 -9.48
CA ALA D 36 3.13 25.28 -8.33
C ALA D 36 3.35 24.57 -7.00
N GLY D 37 3.68 23.29 -7.01
CA GLY D 37 3.82 22.55 -5.77
C GLY D 37 5.07 22.91 -4.98
N ILE D 38 5.14 22.36 -3.77
CA ILE D 38 6.30 22.52 -2.91
C ILE D 38 7.35 21.51 -3.29
N PHE D 39 8.61 21.95 -3.33
CA PHE D 39 9.74 21.11 -3.69
C PHE D 39 10.90 21.41 -2.75
N VAL D 40 11.73 20.39 -2.52
CA VAL D 40 13.01 20.63 -1.87
C VAL D 40 13.88 21.43 -2.81
N SER D 41 14.40 22.55 -2.31
CA SER D 41 15.17 23.48 -3.14
C SER D 41 16.62 23.65 -2.73
N ARG D 42 17.04 23.05 -1.60
CA ARG D 42 18.44 23.10 -1.20
C ARG D 42 18.66 22.11 -0.08
N ILE D 43 19.84 21.51 -0.06
CA ILE D 43 20.25 20.55 0.96
C ILE D 43 21.63 20.96 1.44
N ALA D 44 21.74 21.36 2.70
CA ALA D 44 23.02 21.78 3.25
C ALA D 44 23.96 20.59 3.40
N GLU D 45 25.25 20.83 3.17
CA GLU D 45 26.26 19.79 3.34
C GLU D 45 26.60 19.61 4.80
N GLY D 46 26.80 18.35 5.20
CA GLY D 46 26.99 18.02 6.60
C GLY D 46 25.71 17.94 7.39
N GLY D 47 24.60 18.45 6.87
CA GLY D 47 23.35 18.37 7.57
C GLY D 47 22.78 16.97 7.56
N ALA D 48 21.85 16.74 8.50
CA ALA D 48 21.21 15.42 8.60
C ALA D 48 20.65 14.99 7.27
N ALA D 49 19.92 15.88 6.60
CA ALA D 49 19.33 15.53 5.31
C ALA D 49 20.39 15.08 4.31
N HIS D 50 21.47 15.86 4.16
CA HIS D 50 22.49 15.53 3.18
C HIS D 50 23.07 14.14 3.42
N ARG D 51 23.65 13.91 4.59
CA ARG D 51 24.24 12.61 4.84
C ARG D 51 23.17 11.51 4.86
N ALA D 52 21.94 11.83 5.26
CA ALA D 52 20.88 10.82 5.22
C ALA D 52 20.68 10.28 3.81
N GLY D 53 20.98 11.08 2.79
CA GLY D 53 20.89 10.64 1.42
C GLY D 53 19.50 10.30 0.93
N THR D 54 18.47 10.54 1.72
CA THR D 54 17.09 10.35 1.30
C THR D 54 16.44 11.63 0.79
N LEU D 55 17.15 12.76 0.79
CA LEU D 55 16.65 14.00 0.22
C LEU D 55 17.45 14.33 -1.04
N GLN D 56 16.75 14.78 -2.08
CA GLN D 56 17.38 15.27 -3.29
C GLN D 56 16.64 16.51 -3.73
N VAL D 57 17.39 17.58 -4.03
CA VAL D 57 16.80 18.79 -4.58
C VAL D 57 15.90 18.41 -5.75
N GLY D 58 14.73 19.05 -5.84
CA GLY D 58 13.74 18.74 -6.84
C GLY D 58 12.65 17.78 -6.39
N ASP D 59 12.82 17.11 -5.25
CA ASP D 59 11.76 16.26 -4.75
C ASP D 59 10.52 17.10 -4.47
N ARG D 60 9.36 16.56 -4.84
CA ARG D 60 8.09 17.20 -4.50
C ARG D 60 7.69 16.84 -3.08
N VAL D 61 7.36 17.86 -2.30
CA VAL D 61 6.97 17.66 -0.90
C VAL D 61 5.45 17.46 -0.88
N LEU D 62 5.02 16.25 -0.54
CA LEU D 62 3.60 15.93 -0.47
C LEU D 62 3.03 16.11 0.93
N SER D 63 3.79 15.75 1.96
CA SER D 63 3.29 15.84 3.33
C SER D 63 4.45 15.99 4.31
N ILE D 64 4.19 16.69 5.41
CA ILE D 64 5.17 16.94 6.45
C ILE D 64 4.56 16.51 7.78
N ASN D 65 5.20 15.59 8.47
CA ASN D 65 4.69 15.08 9.76
C ASN D 65 3.21 14.72 9.64
N GLY D 66 2.89 13.99 8.59
CA GLY D 66 1.53 13.54 8.39
C GLY D 66 0.53 14.59 7.97
N VAL D 67 0.99 15.80 7.67
CA VAL D 67 0.11 16.89 7.23
C VAL D 67 0.29 17.07 5.73
N ASP D 68 -0.79 16.84 4.98
CA ASP D 68 -0.76 17.07 3.54
C ASP D 68 -0.53 18.54 3.25
N VAL D 69 0.41 18.83 2.34
CA VAL D 69 0.75 20.20 1.98
C VAL D 69 0.73 20.37 0.46
N THR D 70 0.12 19.43 -0.25
CA THR D 70 0.01 19.58 -1.70
C THR D 70 -0.82 20.80 -2.09
N GLU D 71 -1.56 21.38 -1.15
CA GLU D 71 -2.33 22.59 -1.39
C GLU D 71 -2.04 23.70 -0.38
N ALA D 72 -0.96 23.59 0.38
CA ALA D 72 -0.69 24.49 1.48
C ALA D 72 0.09 25.72 1.04
N ARG D 73 0.10 26.73 1.91
CA ARG D 73 0.88 27.92 1.68
C ARG D 73 2.36 27.64 1.91
N HIS D 74 3.20 28.44 1.26
CA HIS D 74 4.63 28.31 1.45
C HIS D 74 5.01 28.45 2.91
N ASP D 75 4.75 29.63 3.50
CA ASP D 75 5.20 29.89 4.86
C ASP D 75 4.57 28.94 5.86
N HIS D 76 3.40 28.36 5.55
CA HIS D 76 2.77 27.40 6.44
C HIS D 76 3.47 26.04 6.37
N ALA D 77 3.81 25.59 5.16
CA ALA D 77 4.67 24.42 5.04
C ALA D 77 5.98 24.62 5.77
N VAL D 78 6.49 25.86 5.81
CA VAL D 78 7.73 26.13 6.52
C VAL D 78 7.49 26.12 8.02
N SER D 79 6.29 26.50 8.46
CA SER D 79 5.98 26.40 9.89
C SER D 79 5.96 24.95 10.35
N LEU D 80 5.32 24.07 9.59
CA LEU D 80 5.33 22.65 9.94
C LEU D 80 6.76 22.14 10.08
N LEU D 81 7.66 22.57 9.20
CA LEU D 81 9.05 22.12 9.28
C LEU D 81 9.74 22.62 10.53
N THR D 82 9.51 23.89 10.89
CA THR D 82 10.12 24.45 12.08
C THR D 82 9.36 24.11 13.36
N ALA D 83 8.18 23.49 13.25
CA ALA D 83 7.41 23.14 14.45
C ALA D 83 8.09 22.04 15.23
N ALA D 84 7.78 21.99 16.53
CA ALA D 84 8.57 21.21 17.48
C ALA D 84 8.20 19.74 17.43
N SER D 85 9.19 18.90 17.12
CA SER D 85 9.10 17.46 17.24
C SER D 85 10.51 16.87 17.09
N PRO D 86 10.76 15.69 17.66
CA PRO D 86 12.11 15.11 17.56
C PRO D 86 12.45 14.64 16.17
N THR D 87 11.46 14.50 15.29
CA THR D 87 11.67 14.04 13.93
C THR D 87 10.99 14.99 12.95
N ILE D 88 11.28 14.78 11.67
CA ILE D 88 10.60 15.45 10.56
C ILE D 88 10.37 14.38 9.51
N ALA D 89 9.10 14.02 9.28
CA ALA D 89 8.73 13.06 8.26
C ALA D 89 8.33 13.79 6.99
N LEU D 90 8.90 13.39 5.85
CA LEU D 90 8.58 13.94 4.55
C LEU D 90 8.04 12.82 3.67
N LEU D 91 6.84 13.01 3.13
CA LEU D 91 6.35 12.19 2.02
C LEU D 91 6.75 12.89 0.74
N LEU D 92 7.69 12.31 0.01
CA LEU D 92 8.29 12.93 -1.16
C LEU D 92 7.90 12.16 -2.42
N GLU D 93 7.92 12.87 -3.54
CA GLU D 93 7.70 12.27 -4.85
C GLU D 93 8.77 12.83 -5.78
N ARG D 94 9.46 11.94 -6.48
CA ARG D 94 10.64 12.30 -7.25
C ARG D 94 10.43 12.01 -8.72
N GLU D 95 11.17 12.74 -9.55
CA GLU D 95 11.21 12.49 -11.00
C GLU D 95 12.57 11.90 -11.35
N ALA D 96 12.55 10.79 -12.09
CA ALA D 96 13.78 10.08 -12.44
C ALA D 96 14.68 10.89 -13.37
C1 EDO E . 0.08 7.17 22.31
O1 EDO E . 1.10 8.07 22.73
C2 EDO E . 0.70 5.90 21.75
O2 EDO E . -0.08 4.76 22.13
H11 EDO E . -0.56 6.91 23.16
H12 EDO E . -0.55 7.64 21.55
HO1 EDO E . 0.69 8.88 23.06
H21 EDO E . 0.77 5.96 20.66
H22 EDO E . 1.72 5.78 22.14
HO2 EDO E . 0.32 3.95 21.79
C1 EDO F . -14.02 -1.02 -0.73
O1 EDO F . -13.64 -0.59 0.57
C2 EDO F . -15.10 -0.10 -1.27
O2 EDO F . -15.05 -0.12 -2.70
H11 EDO F . -13.15 -1.01 -1.39
H12 EDO F . -14.39 -2.05 -0.69
HO1 EDO F . -13.04 -1.25 0.97
H21 EDO F . -14.93 0.92 -0.90
H22 EDO F . -16.08 -0.43 -0.92
HO2 EDO F . -15.72 0.49 -3.05
#